data_3ZLO
#
_entry.id   3ZLO
#
_cell.length_a   67.832
_cell.length_b   67.832
_cell.length_c   67.383
_cell.angle_alpha   90.00
_cell.angle_beta   90.00
_cell.angle_gamma   120.00
#
_symmetry.space_group_name_H-M   'P 32 2 1'
#
loop_
_entity.id
_entity.type
_entity.pdbx_description
1 polymer 'BCL-2-LIKE PROTEIN 1'
2 non-polymer '2-[(8E)-8-(1,3-benzothiazol-2-ylhydrazinylidene)-6,7-dihydro-5H-naphthalen-2-yl]-5-(4-phenylbutyl)-1,3-thiazole-4-carboxylic acid'
3 water water
#
_entity_poly.entity_id   1
_entity_poly.type   'polypeptide(L)'
_entity_poly.pdbx_seq_one_letter_code
;MSMAMSQSNRELVVDFLSYKLSQKGYSWSQFSDVEENRTEAPEGTESEAVKQALREAGDEFELRYRRAFSDLTSQLHITP
GTAYQSFEQVVNELFRDGVNWGRIVAFFSFGGALCVESVDKEMQVLVSRIAAWMATYLNDHLEPWIQENGGWDTFVELYG
NNAAAESRKGQERLEHHHHHH
;
_entity_poly.pdbx_strand_id   A
#
# COMPACT_ATOMS: atom_id res chain seq x y z
N SER A 6 -0.23 -14.61 -1.74
CA SER A 6 -1.36 -15.30 -2.36
C SER A 6 -2.32 -14.28 -2.95
N GLN A 7 -3.58 -14.66 -3.09
CA GLN A 7 -4.61 -13.74 -3.53
C GLN A 7 -5.27 -13.11 -2.32
N SER A 8 -4.87 -13.58 -1.13
CA SER A 8 -5.22 -12.94 0.13
C SER A 8 -4.64 -11.53 0.06
N ASN A 9 -3.41 -11.42 -0.45
CA ASN A 9 -2.78 -10.13 -0.62
C ASN A 9 -3.40 -9.26 -1.70
N ARG A 10 -3.81 -9.92 -2.78
CA ARG A 10 -4.52 -9.27 -3.88
C ARG A 10 -5.74 -8.49 -3.38
N GLU A 11 -6.69 -9.17 -2.74
CA GLU A 11 -7.94 -8.53 -2.33
C GLU A 11 -7.72 -7.51 -1.22
N LEU A 12 -6.56 -7.61 -0.60
CA LEU A 12 -6.17 -6.71 0.46
C LEU A 12 -5.69 -5.39 -0.14
N VAL A 13 -4.93 -5.48 -1.23
CA VAL A 13 -4.45 -4.28 -1.89
C VAL A 13 -5.66 -3.50 -2.38
N VAL A 14 -6.63 -4.21 -2.94
CA VAL A 14 -7.82 -3.54 -3.45
C VAL A 14 -8.63 -2.88 -2.35
N ASP A 15 -8.77 -3.55 -1.20
CA ASP A 15 -9.55 -2.99 -0.11
C ASP A 15 -8.91 -1.70 0.33
N PHE A 16 -7.59 -1.73 0.45
CA PHE A 16 -6.89 -0.58 0.98
C PHE A 16 -6.96 0.54 -0.02
N LEU A 17 -6.84 0.19 -1.29
CA LEU A 17 -6.84 1.21 -2.31
C LEU A 17 -8.20 1.87 -2.47
N SER A 18 -9.26 1.08 -2.61
CA SER A 18 -10.60 1.63 -2.81
C SER A 18 -11.04 2.54 -1.65
N TYR A 19 -10.73 2.11 -0.42
CA TYR A 19 -10.95 2.94 0.77
C TYR A 19 -10.25 4.30 0.67
N LYS A 20 -8.98 4.26 0.27
CA LYS A 20 -8.18 5.46 0.22
C LYS A 20 -8.71 6.44 -0.81
N LEU A 21 -9.34 5.90 -1.83
CA LEU A 21 -9.98 6.71 -2.86
C LEU A 21 -11.33 7.25 -2.44
N SER A 22 -12.13 6.43 -1.74
CA SER A 22 -13.49 6.84 -1.31
C SER A 22 -13.36 7.92 -0.28
N GLN A 23 -12.19 7.96 0.31
CA GLN A 23 -11.89 8.88 1.36
C GLN A 23 -11.59 10.23 0.73
N LYS A 24 -10.92 10.19 -0.41
CA LYS A 24 -10.62 11.41 -1.13
C LYS A 24 -11.82 11.83 -1.98
N GLY A 25 -12.93 11.11 -1.84
CA GLY A 25 -14.11 11.41 -2.61
C GLY A 25 -14.16 10.77 -3.98
N TYR A 26 -13.19 9.91 -4.28
CA TYR A 26 -13.13 9.20 -5.55
C TYR A 26 -13.75 7.82 -5.46
N SER A 27 -13.91 7.19 -6.63
CA SER A 27 -14.64 5.95 -6.73
C SER A 27 -13.85 4.90 -7.51
N TRP A 28 -13.36 3.85 -6.82
CA TRP A 28 -12.54 2.76 -7.42
C TRP A 28 -12.97 2.35 -8.83
N SER A 29 -14.27 2.23 -9.06
CA SER A 29 -14.79 1.96 -10.39
C SER A 29 -14.16 2.96 -11.35
N GLN A 30 -12.96 2.59 -11.83
CA GLN A 30 -12.10 3.44 -12.66
C GLN A 30 -12.86 4.22 -13.74
N THR A 45 -17.09 -11.88 9.18
CA THR A 45 -16.07 -12.89 9.42
C THR A 45 -14.75 -12.27 9.90
N GLU A 46 -13.73 -13.10 10.07
CA GLU A 46 -12.44 -12.63 10.59
C GLU A 46 -11.57 -11.95 9.53
N SER A 47 -11.87 -12.18 8.24
CA SER A 47 -11.09 -11.58 7.16
C SER A 47 -11.24 -10.06 7.13
N GLU A 48 -12.49 -9.59 7.15
CA GLU A 48 -12.79 -8.17 7.12
C GLU A 48 -12.04 -7.44 8.24
N ALA A 49 -11.75 -8.18 9.31
CA ALA A 49 -11.06 -7.62 10.46
C ALA A 49 -9.65 -7.20 10.12
N VAL A 50 -9.03 -7.91 9.19
CA VAL A 50 -7.71 -7.56 8.76
C VAL A 50 -7.74 -6.30 7.88
N LYS A 51 -8.71 -6.24 6.97
CA LYS A 51 -8.95 -5.08 6.11
C LYS A 51 -9.25 -3.82 6.93
N GLN A 52 -10.14 -3.98 7.90
CA GLN A 52 -10.52 -2.91 8.81
C GLN A 52 -9.29 -2.46 9.60
N ALA A 53 -8.45 -3.41 9.98
CA ALA A 53 -7.26 -3.11 10.75
C ALA A 53 -6.21 -2.39 9.92
N LEU A 54 -6.10 -2.76 8.65
CA LEU A 54 -5.15 -2.10 7.78
C LEU A 54 -5.67 -0.73 7.33
N ARG A 55 -6.99 -0.65 7.10
CA ARG A 55 -7.61 0.65 6.85
C ARG A 55 -7.24 1.60 7.98
N GLU A 56 -7.39 1.15 9.23
CA GLU A 56 -7.17 2.00 10.40
C GLU A 56 -5.73 2.45 10.58
N ALA A 57 -4.80 1.51 10.44
CA ALA A 57 -3.37 1.79 10.64
C ALA A 57 -2.83 2.77 9.59
N GLY A 58 -3.35 2.69 8.36
CA GLY A 58 -2.98 3.63 7.32
C GLY A 58 -3.45 5.03 7.64
N ASP A 59 -4.64 5.12 8.24
CA ASP A 59 -5.18 6.42 8.62
C ASP A 59 -4.31 7.04 9.69
N GLU A 60 -3.99 6.24 10.72
CA GLU A 60 -3.07 6.69 11.77
C GLU A 60 -1.72 7.00 11.18
N PHE A 61 -1.25 6.19 10.24
CA PHE A 61 0.03 6.50 9.64
C PHE A 61 0.02 7.90 9.03
N GLU A 62 -1.06 8.22 8.31
CA GLU A 62 -1.18 9.52 7.63
C GLU A 62 -1.32 10.72 8.57
N LEU A 63 -2.13 10.55 9.60
CA LEU A 63 -2.27 11.56 10.63
C LEU A 63 -0.99 11.82 11.42
N ARG A 64 -0.19 10.77 11.62
CA ARG A 64 0.80 10.77 12.68
C ARG A 64 2.28 10.75 12.25
N TYR A 65 2.62 10.08 11.15
CA TYR A 65 4.03 9.89 10.82
C TYR A 65 4.43 10.31 9.41
N ARG A 66 3.55 10.06 8.44
CA ARG A 66 3.79 10.36 7.03
C ARG A 66 4.76 11.51 6.77
N ARG A 67 4.56 12.59 7.51
CA ARG A 67 5.33 13.80 7.29
C ARG A 67 6.61 13.88 8.11
N ALA A 68 6.99 12.77 8.76
CA ALA A 68 8.26 12.69 9.47
C ALA A 68 9.37 12.13 8.58
N PHE A 69 8.96 11.42 7.52
CA PHE A 69 9.90 10.86 6.56
C PHE A 69 9.92 11.66 5.28
N SER A 70 10.99 11.48 4.51
CA SER A 70 11.09 12.06 3.19
C SER A 70 9.90 11.55 2.36
N ASP A 71 9.42 12.36 1.42
CA ASP A 71 8.28 12.00 0.57
C ASP A 71 8.67 11.06 -0.58
N LEU A 72 8.35 9.78 -0.44
CA LEU A 72 8.70 8.81 -1.46
C LEU A 72 8.02 9.05 -2.79
N THR A 73 6.84 9.65 -2.77
CA THR A 73 6.16 9.97 -4.01
C THR A 73 6.90 11.06 -4.76
N SER A 74 7.68 11.85 -4.03
CA SER A 74 8.51 12.87 -4.67
C SER A 74 9.63 12.24 -5.47
N GLN A 75 10.09 11.08 -5.02
CA GLN A 75 11.17 10.37 -5.69
C GLN A 75 10.73 9.60 -6.96
N LEU A 76 9.52 9.06 -6.97
CA LEU A 76 8.98 8.44 -8.17
C LEU A 76 8.12 9.46 -8.94
N HIS A 77 8.53 9.77 -10.17
CA HIS A 77 7.77 10.70 -10.99
C HIS A 77 6.72 9.93 -11.79
N ILE A 78 5.61 9.61 -11.15
CA ILE A 78 4.64 8.65 -11.68
C ILE A 78 4.04 9.06 -13.03
N THR A 79 4.08 8.16 -14.01
CA THR A 79 3.48 8.40 -15.33
C THR A 79 2.85 7.10 -15.87
N PRO A 80 1.97 7.18 -16.91
CA PRO A 80 1.51 5.93 -17.53
C PRO A 80 2.60 5.02 -18.11
N GLY A 81 3.77 5.59 -18.43
CA GLY A 81 4.90 4.82 -18.92
C GLY A 81 5.98 4.60 -17.87
N THR A 82 5.54 4.42 -16.64
CA THR A 82 6.44 4.07 -15.55
C THR A 82 6.43 2.54 -15.39
N ALA A 83 7.61 1.97 -15.18
CA ALA A 83 7.75 0.51 -15.14
C ALA A 83 7.67 -0.03 -13.71
N TYR A 84 7.40 -1.33 -13.61
CA TYR A 84 7.34 -1.94 -12.29
C TYR A 84 8.64 -1.77 -11.51
N GLN A 85 9.77 -1.94 -12.19
CA GLN A 85 11.05 -1.90 -11.48
C GLN A 85 11.43 -0.50 -11.03
N SER A 86 10.85 0.52 -11.67
CA SER A 86 10.97 1.89 -11.16
C SER A 86 10.32 1.98 -9.78
N PHE A 87 9.03 1.65 -9.72
CA PHE A 87 8.26 1.56 -8.49
C PHE A 87 8.95 0.70 -7.43
N GLU A 88 9.42 -0.48 -7.84
CA GLU A 88 10.04 -1.41 -6.93
C GLU A 88 11.25 -0.77 -6.29
N GLN A 89 12.07 -0.14 -7.11
CA GLN A 89 13.33 0.41 -6.61
C GLN A 89 13.11 1.56 -5.64
N VAL A 90 12.01 2.27 -5.81
CA VAL A 90 11.58 3.24 -4.81
C VAL A 90 11.08 2.56 -3.55
N VAL A 91 10.24 1.55 -3.70
CA VAL A 91 9.65 0.87 -2.55
C VAL A 91 10.71 0.17 -1.74
N ASN A 92 11.71 -0.36 -2.42
CA ASN A 92 12.89 -0.86 -1.73
C ASN A 92 13.37 0.09 -0.62
N GLU A 93 13.40 1.39 -0.92
CA GLU A 93 13.88 2.41 0.05
C GLU A 93 13.22 2.28 1.42
N LEU A 94 11.91 2.10 1.38
CA LEU A 94 11.11 1.87 2.58
C LEU A 94 11.73 0.81 3.50
N PHE A 95 12.11 -0.31 2.91
CA PHE A 95 12.63 -1.45 3.68
C PHE A 95 14.14 -1.57 3.65
N ARG A 96 14.84 -0.45 3.47
CA ARG A 96 16.30 -0.44 3.48
C ARG A 96 16.91 -1.02 4.76
N ASP A 97 16.21 -0.86 5.88
CA ASP A 97 16.73 -1.32 7.17
C ASP A 97 15.94 -2.50 7.75
N GLY A 98 15.25 -3.25 6.89
CA GLY A 98 14.47 -4.42 7.30
C GLY A 98 12.95 -4.29 7.25
N VAL A 99 12.27 -5.41 7.44
CA VAL A 99 10.79 -5.42 7.40
C VAL A 99 10.16 -5.47 8.78
N ASN A 100 9.39 -4.43 9.12
CA ASN A 100 8.43 -4.56 10.21
C ASN A 100 7.04 -4.32 9.66
N TRP A 101 6.02 -4.58 10.47
CA TRP A 101 4.65 -4.34 10.05
C TRP A 101 4.41 -2.87 9.68
N GLY A 102 4.96 -1.95 10.47
CA GLY A 102 4.78 -0.53 10.23
C GLY A 102 5.11 -0.14 8.80
N ARG A 103 6.31 -0.50 8.38
CA ARG A 103 6.75 -0.25 7.02
C ARG A 103 5.83 -0.86 5.96
N ILE A 104 5.29 -2.03 6.26
CA ILE A 104 4.23 -2.58 5.40
C ILE A 104 2.99 -1.67 5.35
N VAL A 105 2.64 -1.07 6.50
CA VAL A 105 1.57 -0.11 6.56
C VAL A 105 1.95 1.07 5.69
N ALA A 106 3.15 1.57 5.90
CA ALA A 106 3.65 2.70 5.13
C ALA A 106 3.69 2.40 3.63
N PHE A 107 4.11 1.19 3.30
CA PHE A 107 3.99 0.65 1.96
C PHE A 107 2.57 0.82 1.39
N PHE A 108 1.57 0.29 2.11
CA PHE A 108 0.21 0.45 1.66
C PHE A 108 -0.17 1.94 1.50
N SER A 109 0.21 2.74 2.49
CA SER A 109 -0.07 4.16 2.47
C SER A 109 0.53 4.80 1.22
N PHE A 110 1.71 4.32 0.87
CA PHE A 110 2.40 4.82 -0.30
C PHE A 110 1.62 4.56 -1.59
N GLY A 111 1.13 3.33 -1.74
CA GLY A 111 0.34 2.95 -2.91
C GLY A 111 -0.92 3.79 -3.04
N GLY A 112 -1.53 4.07 -1.90
CA GLY A 112 -2.66 4.96 -1.87
C GLY A 112 -2.31 6.36 -2.38
N ALA A 113 -1.16 6.86 -1.97
CA ALA A 113 -0.79 8.22 -2.34
C ALA A 113 -0.43 8.28 -3.82
N LEU A 114 0.23 7.24 -4.33
CA LEU A 114 0.45 7.15 -5.77
C LEU A 114 -0.88 7.17 -6.50
N CYS A 115 -1.77 6.25 -6.11
CA CYS A 115 -3.11 6.20 -6.65
C CYS A 115 -3.84 7.53 -6.60
N VAL A 116 -3.82 8.16 -5.42
CA VAL A 116 -4.59 9.38 -5.26
C VAL A 116 -4.03 10.49 -6.15
N GLU A 117 -2.71 10.62 -6.14
CA GLU A 117 -2.00 11.54 -7.01
C GLU A 117 -2.29 11.27 -8.48
N SER A 118 -2.39 9.99 -8.84
CA SER A 118 -2.64 9.67 -10.24
C SER A 118 -3.95 10.25 -10.71
N VAL A 119 -5.01 9.93 -9.98
CA VAL A 119 -6.31 10.48 -10.29
C VAL A 119 -6.29 12.01 -10.27
N ASP A 120 -5.50 12.59 -9.37
CA ASP A 120 -5.35 14.03 -9.31
C ASP A 120 -4.83 14.61 -10.62
N LYS A 121 -3.96 13.87 -11.28
CA LYS A 121 -3.28 14.39 -12.45
C LYS A 121 -3.80 13.80 -13.76
N GLU A 122 -5.03 13.29 -13.72
CA GLU A 122 -5.69 12.77 -14.92
C GLU A 122 -4.96 11.58 -15.51
N MET A 123 -4.60 10.64 -14.64
CA MET A 123 -3.92 9.42 -15.02
C MET A 123 -4.50 8.26 -14.26
N GLN A 124 -5.82 8.20 -14.20
CA GLN A 124 -6.50 7.15 -13.42
C GLN A 124 -6.32 5.77 -14.06
N VAL A 125 -5.78 5.76 -15.27
CA VAL A 125 -5.42 4.51 -15.91
C VAL A 125 -4.34 3.78 -15.09
N LEU A 126 -3.47 4.54 -14.44
CA LEU A 126 -2.40 4.00 -13.59
C LEU A 126 -2.86 3.19 -12.41
N VAL A 127 -4.09 3.39 -12.01
CA VAL A 127 -4.50 2.91 -10.71
C VAL A 127 -4.50 1.40 -10.66
N SER A 128 -5.00 0.80 -11.73
CA SER A 128 -5.02 -0.64 -11.85
C SER A 128 -3.59 -1.15 -11.87
N ARG A 129 -2.72 -0.45 -12.61
CA ARG A 129 -1.29 -0.76 -12.63
C ARG A 129 -0.62 -0.72 -11.25
N ILE A 130 -0.83 0.37 -10.52
CA ILE A 130 -0.27 0.54 -9.18
C ILE A 130 -0.67 -0.60 -8.26
N ALA A 131 -1.88 -1.12 -8.47
CA ALA A 131 -2.37 -2.24 -7.67
C ALA A 131 -1.73 -3.57 -8.09
N ALA A 132 -1.55 -3.77 -9.38
CA ALA A 132 -0.79 -4.92 -9.85
C ALA A 132 0.61 -4.82 -9.28
N TRP A 133 1.22 -3.66 -9.43
CA TRP A 133 2.51 -3.40 -8.86
C TRP A 133 2.66 -3.77 -7.39
N MET A 134 1.78 -3.26 -6.53
CA MET A 134 1.88 -3.53 -5.10
C MET A 134 1.76 -5.03 -4.85
N ALA A 135 0.81 -5.65 -5.52
CA ALA A 135 0.58 -7.06 -5.37
C ALA A 135 1.83 -7.85 -5.76
N THR A 136 2.41 -7.47 -6.90
CA THR A 136 3.68 -8.05 -7.31
C THR A 136 4.74 -7.87 -6.22
N TYR A 137 4.82 -6.67 -5.66
CA TYR A 137 5.84 -6.38 -4.68
C TYR A 137 5.61 -7.19 -3.43
N LEU A 138 4.38 -7.18 -2.94
CA LEU A 138 3.99 -8.03 -1.80
C LEU A 138 4.45 -9.48 -1.91
N ASN A 139 3.98 -10.18 -2.93
CA ASN A 139 4.34 -11.59 -3.09
C ASN A 139 5.83 -11.79 -3.35
N ASP A 140 6.46 -10.91 -4.10
CA ASP A 140 7.87 -11.06 -4.44
C ASP A 140 8.79 -10.68 -3.28
N HIS A 141 8.30 -9.85 -2.37
CA HIS A 141 9.18 -9.28 -1.36
C HIS A 141 8.74 -9.50 0.08
N LEU A 142 7.45 -9.59 0.30
CA LEU A 142 6.94 -9.46 1.67
C LEU A 142 6.24 -10.69 2.24
N GLU A 143 5.59 -11.48 1.39
CA GLU A 143 4.91 -12.69 1.85
C GLU A 143 5.82 -13.66 2.62
N PRO A 144 7.11 -13.79 2.22
CA PRO A 144 7.91 -14.68 3.06
C PRO A 144 8.02 -14.14 4.47
N TRP A 145 8.02 -12.82 4.63
CA TRP A 145 8.09 -12.24 5.96
C TRP A 145 6.79 -12.40 6.73
N ILE A 146 5.68 -12.05 6.07
CA ILE A 146 4.36 -12.09 6.72
C ILE A 146 4.04 -13.47 7.32
N GLN A 147 4.28 -14.51 6.53
CA GLN A 147 4.10 -15.88 7.03
C GLN A 147 5.16 -16.18 8.08
N GLU A 148 6.38 -15.69 7.86
CA GLU A 148 7.44 -15.83 8.86
C GLU A 148 7.11 -15.13 10.18
N ASN A 149 6.17 -14.20 10.15
CA ASN A 149 5.85 -13.44 11.35
C ASN A 149 4.37 -13.53 11.72
N GLY A 150 3.78 -14.69 11.52
CA GLY A 150 2.45 -14.97 12.02
C GLY A 150 1.28 -14.64 11.13
N GLY A 151 1.54 -14.33 9.87
CA GLY A 151 0.47 -14.03 8.94
C GLY A 151 -0.33 -12.81 9.37
N TRP A 152 -1.40 -12.55 8.64
CA TRP A 152 -2.19 -11.36 8.88
C TRP A 152 -2.94 -11.38 10.20
N ASP A 153 -3.33 -12.56 10.64
CA ASP A 153 -4.04 -12.70 11.90
C ASP A 153 -3.17 -12.21 13.06
N THR A 154 -1.84 -12.20 12.87
CA THR A 154 -0.92 -11.72 13.90
C THR A 154 -0.87 -10.19 13.94
N PHE A 155 -0.75 -9.59 12.76
CA PHE A 155 -0.77 -8.15 12.62
C PHE A 155 -1.99 -7.62 13.35
N VAL A 156 -3.10 -8.32 13.18
CA VAL A 156 -4.35 -7.93 13.81
C VAL A 156 -4.28 -7.92 15.35
N GLU A 157 -3.82 -9.02 15.94
CA GLU A 157 -3.77 -9.15 17.39
C GLU A 157 -3.01 -8.00 18.04
N LEU A 158 -2.15 -7.36 17.27
CA LEU A 158 -1.31 -6.30 17.81
C LEU A 158 -1.96 -4.93 17.59
N TYR A 159 -2.29 -4.63 16.35
CA TYR A 159 -2.64 -3.28 15.97
C TYR A 159 -4.17 -3.00 15.95
N GLY A 160 -4.99 -3.96 16.36
CA GLY A 160 -6.44 -3.82 16.28
C GLY A 160 -7.16 -3.27 17.51
N ASN A 161 -6.82 -3.58 18.65
#